data_2K7E
#
_entry.id   2K7E
#
loop_
_entity.id
_entity.type
_entity.pdbx_description
1 polymer "RNA (5'-R(*GP*CP*GP*GP*UP*GP*UP*AP*AP*AP*AP*G)-3')"
2 polymer "RNA (5'-R(*CP*UP*(SUR)P*UP*UP*AP*AP*(PSU)P*CP*UP*GP*C)-3')"
#
loop_
_entity_poly.entity_id
_entity_poly.type
_entity_poly.pdbx_seq_one_letter_code
_entity_poly.pdbx_strand_id
1 'polyribonucleotide' GCGGUGUAAAAG A
2 'polyribonucleotide' CU(SUR)UUAA(PSU)CUGC B
#